data_4WWJ
#
_entry.id   4WWJ
#
_cell.length_a   141.380
_cell.length_b   218.440
_cell.length_c   67.310
_cell.angle_alpha   90.00
_cell.angle_beta   90.00
_cell.angle_gamma   90.00
#
_symmetry.space_group_name_H-M   'C 2 2 2'
#
loop_
_entity.id
_entity.type
_entity.pdbx_description
1 polymer 'TENA/THI-4 family protein'
2 non-polymer 'FE (III) ION'
3 non-polymer GLYCEROL
4 non-polymer 'SULFATE ION'
5 water water
#
_entity_poly.entity_id   1
_entity_poly.type   'polypeptide(L)'
_entity_poly.pdbx_seq_one_letter_code
;GPMIDTFSRTGPLMEAASYPAWTQQLIQDCSESKRRVVEHELYQRMRDNKLSAKVMRQYLIGGWPVVEQFALYMAQNLTK
TRFARHPGEDMARRWLMRNIRVELNHADYWVHWSRAHGVTLEDLQAQQVPPELHALSHWCWHTSSADSLIVAIAATNYAI
EGATGEWSALVCSNGIYAAAFPEEDRKRAMKWLKMHAQYDDAHPWEALEIIVTLAGLNPTKALQAELRQAICKSYDYMYL
FLERCMQQEKTAVTRERLALAEG
;
_entity_poly.pdbx_strand_id   A,B
#
loop_
_chem_comp.id
_chem_comp.type
_chem_comp.name
_chem_comp.formula
FE non-polymer 'FE (III) ION' 'Fe 3'
GOL non-polymer GLYCEROL 'C3 H8 O3'
SO4 non-polymer 'SULFATE ION' 'O4 S -2'
#
# COMPACT_ATOMS: atom_id res chain seq x y z
N ILE A 4 -34.96 -12.70 10.77
CA ILE A 4 -34.63 -12.59 9.31
C ILE A 4 -33.45 -11.64 9.03
N ASP A 5 -33.44 -10.48 9.72
CA ASP A 5 -32.34 -9.49 9.65
C ASP A 5 -32.22 -8.75 8.32
N THR A 6 -33.27 -8.83 7.50
CA THR A 6 -33.25 -8.45 6.07
C THR A 6 -33.49 -6.91 5.86
N PHE A 7 -32.72 -6.25 4.99
CA PHE A 7 -32.86 -4.80 4.82
C PHE A 7 -33.49 -4.46 3.52
N SER A 8 -34.48 -3.58 3.63
CA SER A 8 -35.16 -3.04 2.47
C SER A 8 -35.33 -1.55 2.74
N ARG A 9 -34.82 -0.74 1.85
CA ARG A 9 -34.85 0.68 2.03
C ARG A 9 -36.28 1.20 1.75
N THR A 10 -36.71 2.14 2.56
CA THR A 10 -38.04 2.83 2.36
C THR A 10 -37.89 4.30 1.96
N GLY A 11 -36.94 4.98 2.62
CA GLY A 11 -36.71 6.43 2.44
C GLY A 11 -35.88 6.68 1.22
N PRO A 12 -35.60 7.93 0.92
CA PRO A 12 -34.81 8.27 -0.23
C PRO A 12 -33.38 7.69 -0.18
N LEU A 13 -32.86 7.32 -1.36
CA LEU A 13 -31.51 6.63 -1.50
C LEU A 13 -30.40 7.42 -0.87
N MET A 14 -30.46 8.73 -1.10
CA MET A 14 -29.36 9.60 -0.73
C MET A 14 -29.32 9.99 0.75
N GLU A 15 -30.30 9.84 1.52
CA GLU A 15 -30.23 10.16 2.96
C GLU A 15 -29.80 9.14 3.96
N ALA A 16 -28.87 9.51 4.82
CA ALA A 16 -28.43 8.58 5.88
C ALA A 16 -29.59 8.00 6.70
N ALA A 17 -30.68 8.75 6.85
CA ALA A 17 -31.75 8.31 7.75
C ALA A 17 -32.53 7.16 7.12
N SER A 18 -32.34 6.94 5.82
CA SER A 18 -32.97 5.77 5.17
C SER A 18 -32.31 4.43 5.49
N TYR A 19 -31.22 4.44 6.32
CA TYR A 19 -30.46 3.25 6.60
C TYR A 19 -30.48 2.94 8.09
N PRO A 20 -30.13 1.74 8.46
CA PRO A 20 -30.15 1.40 9.92
C PRO A 20 -29.24 2.20 10.76
N ALA A 21 -29.47 2.10 12.07
CA ALA A 21 -28.68 2.84 13.01
C ALA A 21 -27.19 2.54 12.88
N TRP A 22 -26.86 1.27 12.75
CA TRP A 22 -25.46 0.89 12.66
C TRP A 22 -24.74 1.53 11.47
N THR A 23 -25.49 1.82 10.41
CA THR A 23 -24.98 2.42 9.18
C THR A 23 -24.77 3.94 9.42
N GLN A 24 -25.72 4.55 10.09
CA GLN A 24 -25.56 5.94 10.52
C GLN A 24 -24.42 6.14 11.49
N GLN A 25 -24.18 5.15 12.34
CA GLN A 25 -23.08 5.17 13.23
C GLN A 25 -21.78 5.04 12.45
N LEU A 26 -21.77 4.11 11.46
CA LEU A 26 -20.59 3.94 10.62
C LEU A 26 -20.23 5.27 9.92
N ILE A 27 -21.25 5.97 9.39
CA ILE A 27 -21.04 7.24 8.73
C ILE A 27 -20.46 8.24 9.73
N GLN A 28 -21.03 8.27 10.94
CA GLN A 28 -20.52 9.15 11.94
C GLN A 28 -19.06 8.84 12.34
N ASP A 29 -18.75 7.55 12.59
CA ASP A 29 -17.40 7.14 13.00
C ASP A 29 -16.37 7.44 11.89
N CYS A 30 -16.80 7.45 10.63
CA CYS A 30 -15.85 7.73 9.54
C CYS A 30 -15.78 9.22 9.15
N SER A 31 -16.64 10.06 9.77
CA SER A 31 -16.85 11.41 9.20
C SER A 31 -15.65 12.32 9.29
N GLU A 32 -14.92 12.26 10.37
CA GLU A 32 -13.74 13.10 10.48
C GLU A 32 -12.67 12.66 9.47
N SER A 33 -12.49 11.34 9.30
CA SER A 33 -11.50 10.80 8.34
C SER A 33 -11.86 11.31 6.95
N LYS A 34 -13.14 11.28 6.61
CA LYS A 34 -13.60 11.80 5.33
C LYS A 34 -13.42 13.31 5.20
N ARG A 35 -13.78 14.05 6.25
CA ARG A 35 -13.76 15.50 6.16
C ARG A 35 -12.36 16.00 5.84
N ARG A 36 -11.34 15.47 6.49
CA ARG A 36 -10.04 16.02 6.31
C ARG A 36 -9.48 15.76 4.88
N VAL A 37 -10.10 14.85 4.14
CA VAL A 37 -9.80 14.63 2.71
C VAL A 37 -10.63 15.62 1.87
N VAL A 38 -11.97 15.62 2.06
CA VAL A 38 -12.87 16.30 1.11
C VAL A 38 -12.86 17.85 1.26
N GLU A 39 -12.32 18.34 2.36
CA GLU A 39 -12.09 19.73 2.64
C GLU A 39 -10.61 20.05 2.64
N HIS A 40 -9.77 19.17 2.09
CA HIS A 40 -8.33 19.39 2.22
C HIS A 40 -7.89 20.72 1.58
N GLU A 41 -6.91 21.33 2.18
CA GLU A 41 -6.31 22.54 1.65
C GLU A 41 -5.83 22.36 0.21
N LEU A 42 -5.33 21.20 -0.11
CA LEU A 42 -4.89 20.98 -1.46
C LEU A 42 -5.99 21.23 -2.47
N TYR A 43 -7.19 20.78 -2.16
CA TYR A 43 -8.32 20.99 -3.05
C TYR A 43 -8.88 22.44 -3.08
N GLN A 44 -8.83 23.15 -1.98
CA GLN A 44 -9.18 24.57 -1.97
C GLN A 44 -8.20 25.34 -2.85
N ARG A 45 -6.91 25.00 -2.78
CA ARG A 45 -5.96 25.55 -3.71
C ARG A 45 -6.22 25.18 -5.18
N MET A 46 -6.53 23.93 -5.46
CA MET A 46 -6.70 23.50 -6.82
C MET A 46 -7.89 24.25 -7.44
N ARG A 47 -8.98 24.35 -6.66
CA ARG A 47 -10.20 25.11 -7.03
C ARG A 47 -9.88 26.54 -7.55
N ASP A 48 -8.91 27.15 -6.89
CA ASP A 48 -8.44 28.53 -7.14
C ASP A 48 -7.28 28.60 -8.12
N ASN A 49 -6.92 27.50 -8.76
CA ASN A 49 -5.81 27.48 -9.69
C ASN A 49 -4.48 27.80 -9.10
N LYS A 50 -4.38 27.62 -7.77
CA LYS A 50 -3.13 27.95 -7.09
C LYS A 50 -2.00 26.96 -7.10
N LEU A 51 -2.21 25.72 -7.51
CA LEU A 51 -1.14 24.74 -7.24
C LEU A 51 0.07 24.92 -8.15
N SER A 52 1.24 24.74 -7.57
CA SER A 52 2.45 24.74 -8.34
C SER A 52 2.43 23.70 -9.46
N ALA A 53 3.18 23.95 -10.52
CA ALA A 53 3.35 22.93 -11.58
C ALA A 53 3.87 21.60 -11.06
N LYS A 54 4.83 21.66 -10.17
CA LYS A 54 5.37 20.43 -9.60
C LYS A 54 4.31 19.59 -8.90
N VAL A 55 3.51 20.21 -8.05
CA VAL A 55 2.48 19.48 -7.35
C VAL A 55 1.33 19.01 -8.24
N MET A 56 0.89 19.83 -9.15
CA MET A 56 -0.12 19.36 -10.04
C MET A 56 0.34 18.12 -10.81
N ARG A 57 1.58 18.10 -11.24
CA ARG A 57 2.12 17.01 -11.97
C ARG A 57 2.16 15.75 -11.07
N GLN A 58 2.59 15.92 -9.83
CA GLN A 58 2.62 14.81 -8.84
C GLN A 58 1.24 14.29 -8.55
N TYR A 59 0.26 15.20 -8.43
CA TYR A 59 -1.12 14.84 -8.18
C TYR A 59 -1.63 13.97 -9.31
N LEU A 60 -1.39 14.39 -10.54
CA LEU A 60 -1.94 13.72 -11.72
C LEU A 60 -1.27 12.33 -11.94
N ILE A 61 0.06 12.25 -11.70
CA ILE A 61 0.78 10.98 -11.83
C ILE A 61 0.38 10.03 -10.69
N GLY A 62 0.35 10.59 -9.50
CA GLY A 62 -0.05 9.91 -8.31
C GLY A 62 -1.41 9.31 -8.30
N GLY A 63 -2.40 10.03 -8.84
CA GLY A 63 -3.77 9.54 -8.80
C GLY A 63 -4.14 8.59 -9.93
N TRP A 64 -3.29 8.51 -10.94
CA TRP A 64 -3.50 7.66 -12.11
C TRP A 64 -3.80 6.18 -11.78
N PRO A 65 -2.97 5.51 -10.94
CA PRO A 65 -3.21 4.07 -10.81
C PRO A 65 -4.56 3.72 -10.26
N VAL A 66 -5.12 4.44 -9.28
CA VAL A 66 -6.47 4.15 -8.80
C VAL A 66 -7.51 4.37 -9.86
N VAL A 67 -7.31 5.42 -10.66
CA VAL A 67 -8.22 5.64 -11.77
C VAL A 67 -8.17 4.54 -12.80
N GLU A 68 -6.98 4.22 -13.23
CA GLU A 68 -6.72 3.20 -14.21
C GLU A 68 -7.26 1.83 -13.78
N GLN A 69 -7.03 1.50 -12.51
CA GLN A 69 -7.33 0.20 -11.93
C GLN A 69 -8.79 0.11 -11.39
N PHE A 70 -9.54 1.19 -11.43
CA PHE A 70 -10.79 1.24 -10.69
C PHE A 70 -11.77 0.15 -11.13
N ALA A 71 -11.87 -0.04 -12.43
CA ALA A 71 -12.82 -1.10 -12.92
C ALA A 71 -12.29 -2.50 -12.63
N LEU A 72 -10.98 -2.56 -12.43
CA LEU A 72 -10.34 -3.83 -11.99
C LEU A 72 -10.63 -4.21 -10.56
N TYR A 73 -10.73 -3.22 -9.70
CA TYR A 73 -11.18 -3.46 -8.33
C TYR A 73 -12.59 -4.06 -8.38
N MET A 74 -13.46 -3.44 -9.16
CA MET A 74 -14.81 -3.94 -9.35
C MET A 74 -14.82 -5.33 -9.92
N ALA A 75 -14.01 -5.58 -10.93
CA ALA A 75 -13.94 -6.90 -11.53
C ALA A 75 -13.60 -7.97 -10.52
N GLN A 76 -12.60 -7.70 -9.70
CA GLN A 76 -12.17 -8.60 -8.65
C GLN A 76 -13.26 -8.87 -7.62
N ASN A 77 -14.07 -7.87 -7.32
CA ASN A 77 -15.21 -8.09 -6.42
C ASN A 77 -16.30 -8.85 -7.11
N LEU A 78 -16.51 -8.59 -8.38
CA LEU A 78 -17.56 -9.37 -9.09
C LEU A 78 -17.23 -10.89 -9.11
N THR A 79 -15.95 -11.20 -9.21
CA THR A 79 -15.41 -12.53 -9.22
C THR A 79 -15.67 -13.28 -7.97
N LYS A 80 -15.95 -12.58 -6.88
CA LYS A 80 -16.28 -13.22 -5.60
C LYS A 80 -17.72 -13.60 -5.46
N THR A 81 -18.61 -13.07 -6.29
CA THR A 81 -20.03 -13.23 -6.16
C THR A 81 -20.54 -14.53 -6.72
N ARG A 82 -21.63 -15.01 -6.15
CA ARG A 82 -22.35 -16.19 -6.70
C ARG A 82 -23.82 -15.86 -6.76
N PHE A 83 -24.48 -16.25 -7.83
CA PHE A 83 -25.87 -15.95 -8.12
C PHE A 83 -26.84 -16.43 -7.00
N ALA A 84 -27.75 -15.55 -6.62
CA ALA A 84 -28.84 -15.85 -5.63
C ALA A 84 -28.38 -16.66 -4.39
N ARG A 85 -27.23 -16.34 -3.81
CA ARG A 85 -26.72 -17.14 -2.76
C ARG A 85 -26.98 -16.44 -1.43
N HIS A 86 -26.90 -15.12 -1.40
CA HIS A 86 -27.05 -14.42 -0.13
C HIS A 86 -27.79 -13.15 -0.45
N PRO A 87 -28.54 -12.65 0.54
CA PRO A 87 -29.20 -11.35 0.36
C PRO A 87 -28.16 -10.31 0.02
N GLY A 88 -28.49 -9.42 -0.91
CA GLY A 88 -27.57 -8.35 -1.30
C GLY A 88 -26.56 -8.82 -2.37
N GLU A 89 -26.37 -10.13 -2.56
CA GLU A 89 -25.29 -10.57 -3.44
C GLU A 89 -25.63 -10.40 -4.92
N ASP A 90 -26.87 -10.64 -5.23
CA ASP A 90 -27.38 -10.31 -6.58
C ASP A 90 -27.40 -8.82 -6.90
N MET A 91 -27.73 -8.02 -5.92
CA MET A 91 -27.78 -6.59 -6.12
C MET A 91 -26.31 -6.18 -6.42
N ALA A 92 -25.37 -6.73 -5.69
CA ALA A 92 -23.97 -6.35 -5.85
C ALA A 92 -23.51 -6.74 -7.25
N ARG A 93 -23.83 -7.97 -7.62
CA ARG A 93 -23.40 -8.53 -8.94
C ARG A 93 -23.92 -7.67 -10.07
N ARG A 94 -25.19 -7.33 -10.01
CA ARG A 94 -25.78 -6.46 -11.05
C ARG A 94 -25.21 -5.12 -11.08
N TRP A 95 -25.07 -4.53 -9.90
CA TRP A 95 -24.49 -3.20 -9.83
C TRP A 95 -23.06 -3.13 -10.40
N LEU A 96 -22.21 -4.10 -10.01
CA LEU A 96 -20.84 -4.13 -10.46
C LEU A 96 -20.81 -4.33 -12.02
N MET A 97 -21.71 -5.15 -12.55
CA MET A 97 -21.79 -5.37 -14.01
C MET A 97 -22.14 -4.08 -14.72
N ARG A 98 -23.09 -3.30 -14.18
CA ARG A 98 -23.43 -1.99 -14.76
C ARG A 98 -22.35 -0.99 -14.60
N ASN A 99 -21.72 -0.93 -13.43
CA ASN A 99 -20.78 0.13 -13.17
C ASN A 99 -19.39 -0.05 -13.70
N ILE A 100 -19.01 -1.28 -13.99
CA ILE A 100 -17.77 -1.50 -14.73
C ILE A 100 -17.83 -0.75 -16.07
N ARG A 101 -18.99 -0.78 -16.76
CA ARG A 101 -19.18 -0.11 -18.06
C ARG A 101 -19.13 1.44 -17.88
N VAL A 102 -19.67 1.93 -16.78
CA VAL A 102 -19.68 3.36 -16.50
C VAL A 102 -18.29 3.92 -16.46
N GLU A 103 -17.31 3.13 -16.01
CA GLU A 103 -15.90 3.53 -16.02
C GLU A 103 -15.16 3.52 -17.37
N LEU A 104 -15.86 3.14 -18.42
CA LEU A 104 -15.24 2.83 -19.73
C LEU A 104 -14.19 3.86 -20.12
N ASN A 105 -14.61 5.13 -20.18
CA ASN A 105 -13.74 6.22 -20.67
C ASN A 105 -13.03 7.02 -19.57
N HIS A 106 -13.21 6.66 -18.30
CA HIS A 106 -12.68 7.53 -17.24
C HIS A 106 -11.20 7.61 -17.20
N ALA A 107 -10.54 6.53 -17.50
CA ALA A 107 -9.08 6.60 -17.60
C ALA A 107 -8.64 7.50 -18.74
N ASP A 108 -9.25 7.37 -19.89
CA ASP A 108 -8.94 8.32 -20.99
C ASP A 108 -9.18 9.77 -20.56
N TYR A 109 -10.26 10.07 -19.87
CA TYR A 109 -10.46 11.41 -19.39
C TYR A 109 -9.32 11.88 -18.44
N TRP A 110 -8.76 11.00 -17.61
CA TRP A 110 -7.64 11.37 -16.73
C TRP A 110 -6.41 11.69 -17.54
N VAL A 111 -6.22 10.92 -18.63
CA VAL A 111 -5.09 11.11 -19.48
C VAL A 111 -5.26 12.49 -20.10
N HIS A 112 -6.46 12.81 -20.57
CA HIS A 112 -6.66 14.17 -21.11
C HIS A 112 -6.48 15.34 -20.14
N TRP A 113 -6.92 15.18 -18.93
CA TRP A 113 -6.72 16.17 -17.85
C TRP A 113 -5.24 16.37 -17.62
N SER A 114 -4.55 15.26 -17.58
CA SER A 114 -3.14 15.24 -17.30
C SER A 114 -2.41 15.96 -18.39
N ARG A 115 -2.77 15.70 -19.63
CA ARG A 115 -2.08 16.30 -20.80
C ARG A 115 -2.26 17.80 -20.80
N ALA A 116 -3.39 18.28 -20.32
CA ALA A 116 -3.63 19.71 -20.22
C ALA A 116 -2.71 20.38 -19.23
N HIS A 117 -2.04 19.61 -18.38
CA HIS A 117 -1.03 20.16 -17.53
C HIS A 117 0.38 19.75 -17.94
N GLY A 118 0.55 19.29 -19.19
CA GLY A 118 1.83 18.88 -19.74
C GLY A 118 2.30 17.54 -19.27
N VAL A 119 1.44 16.75 -18.65
CA VAL A 119 1.85 15.39 -18.18
C VAL A 119 1.47 14.38 -19.25
N THR A 120 2.47 13.65 -19.79
CA THR A 120 2.22 12.73 -20.89
C THR A 120 1.84 11.36 -20.35
N LEU A 121 1.44 10.48 -21.27
CA LEU A 121 1.10 9.13 -20.93
C LEU A 121 2.34 8.43 -20.39
N GLU A 122 3.46 8.65 -21.05
CA GLU A 122 4.73 8.19 -20.54
C GLU A 122 5.00 8.60 -19.08
N ASP A 123 4.74 9.83 -18.73
CA ASP A 123 4.94 10.28 -17.34
C ASP A 123 3.98 9.54 -16.38
N LEU A 124 2.74 9.34 -16.79
CA LEU A 124 1.78 8.62 -15.98
C LEU A 124 2.25 7.20 -15.75
N GLN A 125 2.67 6.54 -16.80
CA GLN A 125 3.13 5.18 -16.70
C GLN A 125 4.39 5.00 -15.87
N ALA A 126 5.26 5.98 -15.92
CA ALA A 126 6.51 5.94 -15.19
C ALA A 126 6.42 6.03 -13.68
N GLN A 127 5.37 6.66 -13.17
CA GLN A 127 5.08 6.69 -11.76
C GLN A 127 6.21 7.19 -10.88
N GLN A 128 6.89 8.23 -11.32
CA GLN A 128 7.91 8.89 -10.52
C GLN A 128 7.37 9.92 -9.55
N VAL A 129 6.82 9.42 -8.48
CA VAL A 129 6.30 10.26 -7.45
C VAL A 129 6.63 9.64 -6.14
N PRO A 130 6.48 10.36 -5.05
CA PRO A 130 6.86 9.74 -3.77
C PRO A 130 5.98 8.58 -3.39
N PRO A 131 6.47 7.74 -2.49
CA PRO A 131 5.76 6.51 -2.13
C PRO A 131 4.46 6.74 -1.39
N GLU A 132 4.35 7.87 -0.70
CA GLU A 132 3.14 8.23 -0.05
C GLU A 132 1.98 8.26 -1.07
N LEU A 133 2.28 8.59 -2.34
CA LEU A 133 1.26 8.80 -3.34
C LEU A 133 0.78 7.47 -3.93
N HIS A 134 1.57 6.43 -3.79
CA HIS A 134 1.16 5.12 -4.36
C HIS A 134 0.40 4.29 -3.36
N ALA A 135 0.40 4.65 -2.07
CA ALA A 135 -0.11 3.70 -1.02
C ALA A 135 -1.58 3.35 -1.28
N LEU A 136 -2.38 4.37 -1.65
CA LEU A 136 -3.82 4.14 -1.88
C LEU A 136 -4.04 3.04 -2.92
N SER A 137 -3.26 3.01 -4.04
CA SER A 137 -3.53 1.97 -5.08
C SER A 137 -3.18 0.58 -4.51
N HIS A 138 -2.13 0.51 -3.70
CA HIS A 138 -1.76 -0.78 -3.17
C HIS A 138 -2.82 -1.30 -2.22
N TRP A 139 -3.33 -0.44 -1.31
CA TRP A 139 -4.39 -0.82 -0.47
C TRP A 139 -5.61 -1.24 -1.24
N CYS A 140 -5.97 -0.53 -2.25
CA CYS A 140 -7.18 -0.86 -3.04
C CYS A 140 -7.00 -2.24 -3.70
N TRP A 141 -5.79 -2.53 -4.21
CA TRP A 141 -5.64 -3.86 -4.83
C TRP A 141 -5.67 -4.95 -3.80
N HIS A 142 -5.02 -4.67 -2.68
CA HIS A 142 -4.96 -5.61 -1.59
C HIS A 142 -6.36 -5.98 -1.10
N THR A 143 -7.21 -5.01 -0.80
CA THR A 143 -8.54 -5.36 -0.27
C THR A 143 -9.37 -6.01 -1.39
N SER A 144 -9.22 -5.54 -2.59
CA SER A 144 -10.00 -6.12 -3.72
C SER A 144 -9.61 -7.57 -3.96
N SER A 145 -8.32 -7.90 -3.76
CA SER A 145 -7.81 -9.22 -3.97
C SER A 145 -8.10 -10.15 -2.81
N ALA A 146 -8.02 -9.67 -1.57
CA ALA A 146 -7.95 -10.56 -0.45
C ALA A 146 -9.13 -10.42 0.46
N ASP A 147 -9.86 -9.32 0.53
CA ASP A 147 -10.94 -9.18 1.52
C ASP A 147 -12.29 -9.64 0.93
N SER A 148 -13.27 -9.81 1.80
CA SER A 148 -14.60 -10.14 1.34
C SER A 148 -15.11 -9.00 0.42
N LEU A 149 -16.11 -9.31 -0.36
CA LEU A 149 -16.69 -8.33 -1.24
C LEU A 149 -17.20 -7.12 -0.49
N ILE A 150 -17.96 -7.38 0.56
CA ILE A 150 -18.58 -6.27 1.29
C ILE A 150 -17.55 -5.28 1.78
N VAL A 151 -16.42 -5.77 2.31
CA VAL A 151 -15.34 -4.87 2.78
C VAL A 151 -14.65 -4.14 1.64
N ALA A 152 -14.34 -4.84 0.52
CA ALA A 152 -13.63 -4.20 -0.55
C ALA A 152 -14.53 -3.20 -1.30
N ILE A 153 -15.83 -3.46 -1.38
CA ILE A 153 -16.74 -2.49 -2.01
C ILE A 153 -16.82 -1.22 -1.13
N ALA A 154 -16.82 -1.41 0.16
CA ALA A 154 -16.84 -0.32 1.10
C ALA A 154 -15.60 0.58 0.97
N ALA A 155 -14.47 -0.06 0.78
CA ALA A 155 -13.20 0.61 0.64
C ALA A 155 -13.05 1.38 -0.64
N THR A 156 -13.71 0.92 -1.68
CA THR A 156 -13.56 1.47 -2.98
C THR A 156 -14.78 2.30 -3.40
N ASN A 157 -15.90 1.66 -3.64
CA ASN A 157 -17.03 2.19 -4.35
C ASN A 157 -17.81 3.09 -3.38
N TYR A 158 -17.71 2.83 -2.12
CA TYR A 158 -18.28 3.70 -1.13
C TYR A 158 -17.28 4.78 -0.76
N ALA A 159 -16.16 4.38 -0.19
CA ALA A 159 -15.25 5.37 0.38
C ALA A 159 -14.60 6.27 -0.68
N ILE A 160 -13.91 5.65 -1.64
CA ILE A 160 -13.22 6.46 -2.63
C ILE A 160 -14.15 7.25 -3.54
N GLU A 161 -15.15 6.59 -4.08
CA GLU A 161 -16.07 7.28 -4.98
C GLU A 161 -16.83 8.39 -4.26
N GLY A 162 -17.34 8.15 -3.06
CA GLY A 162 -17.92 9.20 -2.27
C GLY A 162 -17.00 10.42 -2.03
N ALA A 163 -15.76 10.16 -1.60
CA ALA A 163 -14.83 11.25 -1.40
C ALA A 163 -14.56 11.94 -2.71
N THR A 164 -14.44 11.19 -3.79
CA THR A 164 -14.08 11.79 -5.07
C THR A 164 -15.17 12.72 -5.62
N GLY A 165 -16.42 12.33 -5.48
CA GLY A 165 -17.59 13.19 -5.82
C GLY A 165 -17.48 14.53 -5.09
N GLU A 166 -17.06 14.51 -3.82
CA GLU A 166 -17.02 15.74 -3.01
C GLU A 166 -15.81 16.61 -3.30
N TRP A 167 -14.62 16.02 -3.42
CA TRP A 167 -13.46 16.84 -3.74
C TRP A 167 -13.52 17.38 -5.16
N SER A 168 -13.99 16.59 -6.12
CA SER A 168 -14.19 17.06 -7.50
C SER A 168 -15.19 18.25 -7.59
N ALA A 169 -16.28 18.17 -6.81
CA ALA A 169 -17.21 19.25 -6.73
C ALA A 169 -16.56 20.49 -6.12
N LEU A 170 -15.73 20.34 -5.11
CA LEU A 170 -15.07 21.49 -4.49
C LEU A 170 -14.12 22.13 -5.52
N VAL A 171 -13.39 21.32 -6.26
CA VAL A 171 -12.47 21.84 -7.26
C VAL A 171 -13.21 22.66 -8.34
N CYS A 172 -14.42 22.24 -8.68
CA CYS A 172 -15.24 22.86 -9.75
C CYS A 172 -16.15 23.97 -9.23
N SER A 173 -16.19 24.22 -7.92
CA SER A 173 -17.24 24.96 -7.26
C SER A 173 -17.24 26.46 -7.54
N ASN A 174 -16.16 27.08 -7.97
CA ASN A 174 -16.25 28.52 -8.19
C ASN A 174 -15.83 28.99 -9.55
N GLY A 175 -15.50 28.09 -10.48
CA GLY A 175 -15.26 28.42 -11.87
C GLY A 175 -13.81 28.85 -12.20
N ILE A 176 -13.03 29.18 -11.18
CA ILE A 176 -11.64 29.66 -11.41
C ILE A 176 -10.80 28.64 -12.13
N TYR A 177 -10.70 27.42 -11.58
CA TYR A 177 -9.84 26.40 -12.21
C TYR A 177 -10.18 26.17 -13.69
N ALA A 178 -11.47 26.05 -13.97
CA ALA A 178 -11.93 25.81 -15.32
C ALA A 178 -11.68 27.04 -16.22
N ALA A 179 -11.96 28.25 -15.71
CA ALA A 179 -11.74 29.42 -16.59
C ALA A 179 -10.28 29.69 -16.94
N ALA A 180 -9.37 29.14 -16.14
CA ALA A 180 -7.99 29.29 -16.37
C ALA A 180 -7.45 28.51 -17.54
N PHE A 181 -8.15 27.50 -18.00
CA PHE A 181 -7.78 26.79 -19.22
C PHE A 181 -8.21 27.64 -20.42
N PRO A 182 -7.39 27.70 -21.47
CA PRO A 182 -7.92 28.30 -22.69
C PRO A 182 -9.15 27.56 -23.14
N GLU A 183 -10.06 28.31 -23.75
CA GLU A 183 -11.40 27.88 -24.16
C GLU A 183 -11.36 26.65 -25.07
N GLU A 184 -10.40 26.62 -25.98
CA GLU A 184 -10.33 25.55 -26.95
C GLU A 184 -9.84 24.25 -26.29
N ASP A 185 -9.17 24.36 -25.16
CA ASP A 185 -8.69 23.18 -24.47
C ASP A 185 -9.59 22.74 -23.31
N ARG A 186 -10.54 23.58 -22.93
CA ARG A 186 -11.17 23.43 -21.61
C ARG A 186 -12.04 22.19 -21.48
N LYS A 187 -12.86 21.93 -22.48
CA LYS A 187 -13.82 20.84 -22.40
C LYS A 187 -13.12 19.52 -22.20
N ARG A 188 -12.15 19.26 -23.04
CA ARG A 188 -11.36 18.04 -22.95
C ARG A 188 -10.56 17.95 -21.62
N ALA A 189 -10.00 19.08 -21.14
CA ALA A 189 -9.27 19.07 -19.88
C ALA A 189 -10.17 18.84 -18.69
N MET A 190 -11.39 19.40 -18.70
CA MET A 190 -12.25 19.39 -17.53
C MET A 190 -13.19 18.14 -17.46
N LYS A 191 -13.14 17.29 -18.47
CA LYS A 191 -14.14 16.24 -18.62
C LYS A 191 -14.10 15.25 -17.43
N TRP A 192 -12.90 14.85 -17.00
CA TRP A 192 -12.82 13.90 -15.85
C TRP A 192 -13.48 14.50 -14.60
N LEU A 193 -13.13 15.74 -14.29
CA LEU A 193 -13.74 16.41 -13.20
C LEU A 193 -15.24 16.59 -13.36
N LYS A 194 -15.73 17.00 -14.53
N LYS A 194 -15.68 17.02 -14.55
CA LYS A 194 -17.19 17.21 -14.63
CA LYS A 194 -17.13 17.21 -14.86
C LYS A 194 -17.94 15.90 -14.48
C LYS A 194 -17.88 15.93 -14.49
N MET A 195 -17.35 14.80 -14.95
CA MET A 195 -18.02 13.50 -14.82
C MET A 195 -18.14 13.02 -13.37
N HIS A 196 -17.23 13.44 -12.51
CA HIS A 196 -17.21 13.02 -11.13
C HIS A 196 -17.82 14.04 -10.19
N ALA A 197 -17.92 15.28 -10.61
CA ALA A 197 -18.42 16.37 -9.77
C ALA A 197 -19.92 16.56 -9.85
N GLN A 198 -20.52 16.14 -10.96
CA GLN A 198 -21.95 16.39 -11.36
C GLN A 198 -22.74 15.09 -11.39
N TYR A 199 -22.26 14.16 -12.22
CA TYR A 199 -23.02 12.96 -12.58
C TYR A 199 -22.97 11.87 -11.48
N ASP A 200 -21.98 11.96 -10.58
CA ASP A 200 -21.74 10.84 -9.67
C ASP A 200 -22.53 10.80 -8.34
N ASP A 201 -23.50 11.68 -8.10
CA ASP A 201 -24.22 11.80 -6.79
C ASP A 201 -24.77 10.45 -6.20
N ALA A 202 -25.52 9.69 -6.98
CA ALA A 202 -26.18 8.51 -6.47
C ALA A 202 -25.19 7.34 -6.23
N HIS A 203 -24.11 7.25 -7.00
CA HIS A 203 -23.19 6.09 -6.94
C HIS A 203 -22.74 5.58 -5.54
N PRO A 204 -22.15 6.45 -4.69
CA PRO A 204 -21.69 6.07 -3.38
C PRO A 204 -22.88 5.61 -2.50
N TRP A 205 -24.05 6.19 -2.74
CA TRP A 205 -25.26 5.78 -1.97
C TRP A 205 -25.76 4.44 -2.47
N GLU A 206 -25.63 4.20 -3.79
CA GLU A 206 -25.96 2.84 -4.31
C GLU A 206 -25.03 1.78 -3.71
N ALA A 207 -23.74 2.13 -3.60
CA ALA A 207 -22.78 1.20 -2.99
C ALA A 207 -23.11 0.95 -1.53
N LEU A 208 -23.43 2.03 -0.83
CA LEU A 208 -23.83 1.90 0.59
C LEU A 208 -25.04 0.97 0.77
N GLU A 209 -26.03 1.20 -0.06
CA GLU A 209 -27.21 0.34 0.01
C GLU A 209 -26.93 -1.12 -0.21
N ILE A 210 -26.04 -1.40 -1.16
CA ILE A 210 -25.56 -2.76 -1.32
C ILE A 210 -24.88 -3.32 -0.07
N ILE A 211 -23.94 -2.55 0.48
CA ILE A 211 -23.27 -2.95 1.67
C ILE A 211 -24.24 -3.22 2.82
N VAL A 212 -25.20 -2.33 2.97
CA VAL A 212 -26.22 -2.58 4.01
C VAL A 212 -27.07 -3.85 3.75
N THR A 213 -27.47 -4.07 2.51
CA THR A 213 -28.25 -5.25 2.16
C THR A 213 -27.46 -6.54 2.43
N LEU A 214 -26.16 -6.50 2.14
CA LEU A 214 -25.30 -7.61 2.46
C LEU A 214 -25.16 -7.87 3.95
N ALA A 215 -24.95 -6.84 4.74
CA ALA A 215 -24.70 -6.96 6.15
C ALA A 215 -25.98 -7.23 6.92
N GLY A 216 -27.10 -6.70 6.42
CA GLY A 216 -28.40 -6.73 7.07
C GLY A 216 -28.63 -5.74 8.20
N LEU A 217 -29.69 -5.95 8.98
CA LEU A 217 -30.06 -5.01 10.05
C LEU A 217 -29.27 -5.11 11.34
N ASN A 218 -28.62 -6.27 11.50
N ASN A 218 -28.65 -6.26 11.64
CA ASN A 218 -27.90 -6.65 12.68
CA ASN A 218 -27.86 -6.40 12.87
C ASN A 218 -26.62 -7.35 12.47
C ASN A 218 -26.59 -7.20 12.66
N PRO A 219 -25.69 -6.72 11.77
CA PRO A 219 -24.41 -7.34 11.65
C PRO A 219 -23.60 -7.37 12.95
N THR A 220 -22.66 -8.29 13.06
CA THR A 220 -21.83 -8.31 14.24
C THR A 220 -21.03 -7.05 14.36
N LYS A 221 -20.64 -6.78 15.60
CA LYS A 221 -19.75 -5.67 15.89
C LYS A 221 -18.46 -5.83 15.15
N ALA A 222 -17.95 -7.06 15.06
CA ALA A 222 -16.75 -7.31 14.34
C ALA A 222 -16.84 -6.97 12.84
N LEU A 223 -17.96 -7.27 12.17
CA LEU A 223 -18.13 -6.93 10.79
C LEU A 223 -18.17 -5.43 10.64
N GLN A 224 -18.93 -4.81 11.51
CA GLN A 224 -18.96 -3.35 11.53
C GLN A 224 -17.59 -2.70 11.68
N ALA A 225 -16.73 -3.29 12.49
CA ALA A 225 -15.44 -2.69 12.76
C ALA A 225 -14.59 -2.89 11.53
N GLU A 226 -14.78 -4.03 10.87
CA GLU A 226 -14.04 -4.32 9.65
C GLU A 226 -14.37 -3.28 8.57
N LEU A 227 -15.65 -2.95 8.41
CA LEU A 227 -16.09 -1.96 7.45
C LEU A 227 -15.54 -0.59 7.80
N ARG A 228 -15.64 -0.26 9.11
CA ARG A 228 -15.15 1.02 9.53
C ARG A 228 -13.67 1.17 9.27
N GLN A 229 -12.91 0.16 9.62
CA GLN A 229 -11.45 0.23 9.41
C GLN A 229 -11.07 0.29 7.93
N ALA A 230 -11.78 -0.43 7.08
CA ALA A 230 -11.46 -0.42 5.65
C ALA A 230 -11.79 0.96 5.01
N ILE A 231 -12.93 1.51 5.39
CA ILE A 231 -13.32 2.83 4.92
C ILE A 231 -12.33 3.90 5.37
N CYS A 232 -11.97 3.91 6.67
CA CYS A 232 -11.05 4.87 7.17
C CYS A 232 -9.63 4.65 6.57
N LYS A 233 -9.26 3.40 6.23
CA LYS A 233 -7.98 3.16 5.56
C LYS A 233 -7.96 3.88 4.24
N SER A 234 -9.05 3.79 3.46
CA SER A 234 -9.10 4.46 2.16
C SER A 234 -8.95 5.97 2.36
N TYR A 235 -9.72 6.54 3.28
CA TYR A 235 -9.63 7.98 3.57
C TYR A 235 -8.26 8.36 4.07
N ASP A 236 -7.67 7.56 4.97
CA ASP A 236 -6.35 7.89 5.50
C ASP A 236 -5.21 7.83 4.47
N TYR A 237 -5.30 6.88 3.53
CA TYR A 237 -4.38 6.87 2.39
C TYR A 237 -4.59 8.08 1.44
N MET A 238 -5.82 8.49 1.23
CA MET A 238 -6.03 9.76 0.48
C MET A 238 -5.38 10.91 1.21
N TYR A 239 -5.55 10.96 2.55
CA TYR A 239 -5.02 12.02 3.36
C TYR A 239 -3.46 12.01 3.35
N LEU A 240 -2.88 10.84 3.46
CA LEU A 240 -1.42 10.72 3.37
C LEU A 240 -0.87 11.27 2.01
N PHE A 241 -1.59 10.98 0.93
CA PHE A 241 -1.24 11.43 -0.41
C PHE A 241 -1.32 13.00 -0.38
N LEU A 242 -2.42 13.55 0.10
CA LEU A 242 -2.64 15.02 0.09
C LEU A 242 -1.61 15.79 0.95
N GLU A 243 -1.30 15.24 2.10
CA GLU A 243 -0.35 15.81 3.03
C GLU A 243 1.01 15.86 2.36
N ARG A 244 1.43 14.76 1.72
CA ARG A 244 2.70 14.75 1.03
C ARG A 244 2.77 15.79 -0.09
N CYS A 245 1.69 15.91 -0.86
CA CYS A 245 1.59 16.93 -1.93
C CYS A 245 1.74 18.36 -1.35
N MET A 246 1.08 18.67 -0.23
CA MET A 246 1.13 19.97 0.40
C MET A 246 2.48 20.27 1.00
N GLN A 247 3.20 19.28 1.44
CA GLN A 247 4.53 19.55 1.90
C GLN A 247 5.41 19.99 0.73
N GLN A 248 5.35 19.32 -0.41
CA GLN A 248 6.00 19.75 -1.62
C GLN A 248 5.53 21.15 -2.11
N GLU A 249 4.25 21.44 -1.97
CA GLU A 249 3.66 22.72 -2.42
C GLU A 249 4.30 23.82 -1.62
N LYS A 250 4.38 23.63 -0.34
CA LYS A 250 4.86 24.65 0.53
C LYS A 250 6.35 24.97 0.16
N THR A 251 7.16 23.93 -0.06
CA THR A 251 8.54 24.06 -0.51
C THR A 251 8.65 24.80 -1.84
N ALA A 252 7.86 24.37 -2.83
CA ALA A 252 7.92 24.93 -4.20
C ALA A 252 7.59 26.44 -4.24
N VAL A 253 6.51 26.79 -3.55
CA VAL A 253 6.02 28.18 -3.49
C VAL A 253 7.03 29.06 -2.70
N THR A 254 7.52 28.52 -1.58
CA THR A 254 8.54 29.23 -0.77
C THR A 254 9.80 29.56 -1.57
N ARG A 255 10.31 28.60 -2.35
CA ARG A 255 11.49 28.80 -3.18
C ARG A 255 11.27 29.98 -4.15
N GLU A 256 10.09 30.07 -4.75
CA GLU A 256 9.82 31.14 -5.71
C GLU A 256 9.53 32.49 -5.10
N ARG A 257 9.10 32.51 -3.83
CA ARG A 257 8.80 33.76 -3.14
C ARG A 257 10.16 34.37 -2.87
N LEU A 258 11.03 33.57 -2.22
CA LEU A 258 12.43 33.95 -1.87
C LEU A 258 13.34 34.25 -3.09
N ALA A 259 13.07 33.63 -4.26
CA ALA A 259 13.71 33.98 -5.54
C ALA A 259 12.93 35.05 -6.33
N ILE B 4 23.31 -18.27 -26.37
CA ILE B 4 22.52 -19.03 -25.34
C ILE B 4 21.54 -18.12 -24.57
N ASP B 5 22.04 -16.97 -24.10
CA ASP B 5 21.31 -15.97 -23.27
C ASP B 5 21.07 -16.38 -21.80
N THR B 6 21.59 -17.58 -21.47
CA THR B 6 21.39 -18.30 -20.21
C THR B 6 22.42 -17.84 -19.15
N PHE B 7 22.07 -17.90 -17.87
CA PHE B 7 23.02 -17.50 -16.84
C PHE B 7 23.36 -18.67 -15.96
N SER B 8 24.65 -18.82 -15.70
CA SER B 8 25.12 -19.90 -14.88
C SER B 8 26.20 -19.27 -14.07
N ARG B 9 25.96 -19.11 -12.80
CA ARG B 9 26.92 -18.46 -11.95
C ARG B 9 28.17 -19.29 -11.78
N THR B 10 29.30 -18.60 -11.65
CA THR B 10 30.61 -19.22 -11.57
C THR B 10 31.37 -18.66 -10.31
N GLY B 11 31.24 -17.35 -10.08
CA GLY B 11 31.72 -16.69 -8.92
C GLY B 11 30.93 -17.04 -7.69
N PRO B 12 31.38 -16.58 -6.53
CA PRO B 12 30.74 -16.84 -5.27
C PRO B 12 29.35 -16.22 -5.13
N LEU B 13 28.51 -16.93 -4.40
CA LEU B 13 27.09 -16.66 -4.38
C LEU B 13 26.83 -15.27 -3.88
N MET B 14 27.57 -14.85 -2.85
CA MET B 14 27.21 -13.65 -2.13
C MET B 14 27.94 -12.38 -2.60
N GLU B 15 28.43 -12.36 -3.80
CA GLU B 15 29.03 -11.14 -4.38
C GLU B 15 28.44 -10.63 -5.67
N ALA B 16 28.28 -9.32 -5.71
CA ALA B 16 27.70 -8.64 -6.86
C ALA B 16 28.50 -8.98 -8.10
N ALA B 17 29.83 -9.04 -7.96
CA ALA B 17 30.64 -9.28 -9.16
C ALA B 17 30.38 -10.65 -9.77
N SER B 18 29.70 -11.54 -9.07
CA SER B 18 29.42 -12.86 -9.70
C SER B 18 28.24 -12.84 -10.68
N TYR B 19 27.61 -11.69 -10.81
CA TYR B 19 26.37 -11.57 -11.63
C TYR B 19 26.61 -10.63 -12.81
N PRO B 20 25.72 -10.61 -13.80
CA PRO B 20 25.98 -9.72 -14.96
C PRO B 20 26.02 -8.24 -14.63
N ALA B 21 26.56 -7.52 -15.59
CA ALA B 21 26.79 -6.08 -15.35
C ALA B 21 25.48 -5.36 -15.11
N TRP B 22 24.42 -5.76 -15.84
CA TRP B 22 23.06 -5.17 -15.61
C TRP B 22 22.62 -5.29 -14.12
N THR B 23 22.93 -6.47 -13.57
CA THR B 23 22.66 -6.78 -12.21
C THR B 23 23.48 -5.97 -11.25
N GLN B 24 24.78 -5.87 -11.51
CA GLN B 24 25.62 -5.01 -10.67
C GLN B 24 25.15 -3.58 -10.70
N GLN B 25 24.74 -3.11 -11.89
CA GLN B 25 24.21 -1.72 -12.00
C GLN B 25 22.91 -1.60 -11.22
N LEU B 26 22.04 -2.62 -11.34
CA LEU B 26 20.80 -2.61 -10.54
C LEU B 26 21.05 -2.48 -9.05
N ILE B 27 21.97 -3.29 -8.52
CA ILE B 27 22.23 -3.24 -7.12
C ILE B 27 22.77 -1.88 -6.77
N GLN B 28 23.63 -1.37 -7.62
CA GLN B 28 24.15 -0.05 -7.39
C GLN B 28 23.05 1.00 -7.45
N ASP B 29 22.14 0.92 -8.41
CA ASP B 29 20.99 1.88 -8.40
C ASP B 29 20.15 1.85 -7.12
N CYS B 30 20.07 0.70 -6.47
CA CYS B 30 19.20 0.54 -5.31
C CYS B 30 19.89 0.80 -3.94
N SER B 31 21.21 1.05 -3.95
CA SER B 31 21.99 0.97 -2.67
C SER B 31 21.63 2.03 -1.70
N GLU B 32 21.39 3.25 -2.18
CA GLU B 32 21.06 4.35 -1.25
C GLU B 32 19.68 4.13 -0.66
N SER B 33 18.76 3.59 -1.46
CA SER B 33 17.42 3.29 -0.88
C SER B 33 17.51 2.26 0.22
N LYS B 34 18.37 1.26 0.00
CA LYS B 34 18.59 0.23 1.04
C LYS B 34 19.35 0.77 2.23
N ARG B 35 20.39 1.58 1.96
CA ARG B 35 21.17 2.15 3.07
C ARG B 35 20.38 2.90 4.10
N ARG B 36 19.44 3.74 3.66
CA ARG B 36 18.73 4.53 4.63
C ARG B 36 17.80 3.71 5.50
N VAL B 37 17.48 2.49 5.04
CA VAL B 37 16.70 1.61 5.87
C VAL B 37 17.63 0.85 6.87
N VAL B 38 18.66 0.21 6.33
CA VAL B 38 19.43 -0.76 7.19
C VAL B 38 20.35 -0.08 8.18
N GLU B 39 20.62 1.19 7.94
CA GLU B 39 21.35 2.05 8.92
C GLU B 39 20.48 2.96 9.70
N HIS B 40 19.20 2.71 9.75
CA HIS B 40 18.30 3.71 10.28
C HIS B 40 18.50 3.91 11.73
N GLU B 41 18.29 5.14 12.16
CA GLU B 41 18.44 5.51 13.57
C GLU B 41 17.62 4.67 14.47
N LEU B 42 16.45 4.22 14.05
CA LEU B 42 15.61 3.48 14.97
C LEU B 42 16.32 2.19 15.35
N TYR B 43 17.07 1.60 14.43
CA TYR B 43 17.72 0.29 14.69
C TYR B 43 18.99 0.49 15.60
N GLN B 44 19.67 1.61 15.42
CA GLN B 44 20.75 1.97 16.30
C GLN B 44 20.26 2.08 17.72
N ARG B 45 19.13 2.72 17.90
CA ARG B 45 18.58 2.86 19.20
C ARG B 45 18.09 1.55 19.75
N MET B 46 17.55 0.69 18.88
CA MET B 46 17.00 -0.56 19.43
C MET B 46 18.17 -1.43 19.95
N ARG B 47 19.23 -1.43 19.15
CA ARG B 47 20.50 -2.16 19.42
C ARG B 47 20.98 -1.80 20.78
N ASP B 48 20.93 -0.50 21.09
CA ASP B 48 21.48 0.04 22.35
C ASP B 48 20.47 0.07 23.44
N ASN B 49 19.35 -0.57 23.23
CA ASN B 49 18.28 -0.57 24.20
C ASN B 49 17.86 0.84 24.60
N LYS B 50 17.89 1.76 23.66
CA LYS B 50 17.45 3.13 23.92
C LYS B 50 16.13 3.51 23.24
N LEU B 51 15.40 2.57 22.67
CA LEU B 51 14.13 2.95 22.07
C LEU B 51 13.10 2.93 23.12
N SER B 52 12.22 3.92 23.12
CA SER B 52 11.12 3.94 24.08
C SER B 52 10.21 2.77 23.93
N ALA B 53 9.55 2.43 25.02
CA ALA B 53 8.58 1.34 24.99
C ALA B 53 7.45 1.59 24.02
N LYS B 54 7.02 2.85 23.91
CA LYS B 54 5.89 3.21 23.03
C LYS B 54 6.23 2.91 21.54
N VAL B 55 7.43 3.31 21.12
CA VAL B 55 7.91 3.13 19.76
C VAL B 55 8.22 1.68 19.50
N MET B 56 8.83 0.99 20.46
CA MET B 56 9.06 -0.44 20.30
C MET B 56 7.74 -1.17 20.05
N ARG B 57 6.70 -0.83 20.81
CA ARG B 57 5.39 -1.45 20.60
C ARG B 57 4.78 -1.15 19.23
N GLN B 58 4.93 0.09 18.71
CA GLN B 58 4.39 0.43 17.44
C GLN B 58 5.14 -0.39 16.38
N TYR B 59 6.45 -0.50 16.55
CA TYR B 59 7.31 -1.24 15.61
C TYR B 59 6.84 -2.66 15.51
N LEU B 60 6.52 -3.27 16.65
CA LEU B 60 6.21 -4.70 16.67
C LEU B 60 4.81 -4.95 16.10
N ILE B 61 3.89 -4.05 16.41
CA ILE B 61 2.56 -4.22 15.89
C ILE B 61 2.59 -3.94 14.38
N GLY B 62 3.22 -2.84 14.03
CA GLY B 62 3.42 -2.43 12.64
C GLY B 62 4.06 -3.53 11.76
N GLY B 63 5.10 -4.16 12.26
CA GLY B 63 5.82 -5.15 11.48
C GLY B 63 5.11 -6.50 11.28
N TRP B 64 4.09 -6.74 12.09
CA TRP B 64 3.43 -8.01 12.09
C TRP B 64 2.83 -8.51 10.75
N PRO B 65 2.06 -7.68 10.03
CA PRO B 65 1.41 -8.21 8.83
C PRO B 65 2.38 -8.76 7.78
N VAL B 66 3.55 -8.12 7.57
CA VAL B 66 4.50 -8.62 6.60
C VAL B 66 5.04 -9.96 7.04
N VAL B 67 5.29 -10.05 8.32
CA VAL B 67 5.78 -11.31 8.89
C VAL B 67 4.73 -12.41 8.77
N GLU B 68 3.51 -12.16 9.24
CA GLU B 68 2.38 -13.12 9.16
C GLU B 68 2.08 -13.56 7.70
N GLN B 69 2.19 -12.65 6.74
CA GLN B 69 1.71 -12.88 5.39
C GLN B 69 2.88 -13.35 4.55
N PHE B 70 4.09 -13.35 5.08
CA PHE B 70 5.27 -13.59 4.20
C PHE B 70 5.23 -14.86 3.38
N ALA B 71 4.86 -15.97 4.00
CA ALA B 71 4.73 -17.20 3.25
C ALA B 71 3.56 -17.20 2.23
N LEU B 72 2.59 -16.34 2.45
CA LEU B 72 1.53 -16.13 1.48
C LEU B 72 1.97 -15.32 0.25
N TYR B 73 2.91 -14.39 0.40
CA TYR B 73 3.51 -13.78 -0.78
C TYR B 73 4.16 -14.84 -1.62
N MET B 74 4.96 -15.72 -0.96
CA MET B 74 5.63 -16.79 -1.64
C MET B 74 4.64 -17.76 -2.27
N ALA B 75 3.59 -18.09 -1.54
CA ALA B 75 2.60 -18.92 -2.13
C ALA B 75 2.01 -18.35 -3.42
N GLN B 76 1.69 -17.06 -3.43
CA GLN B 76 1.14 -16.42 -4.61
C GLN B 76 2.11 -16.49 -5.72
N ASN B 77 3.42 -16.33 -5.46
CA ASN B 77 4.38 -16.46 -6.53
C ASN B 77 4.54 -17.90 -7.06
N LEU B 78 4.43 -18.89 -6.16
CA LEU B 78 4.53 -20.23 -6.53
C LEU B 78 3.42 -20.57 -7.52
N THR B 79 2.25 -19.98 -7.28
CA THR B 79 1.03 -20.19 -8.13
C THR B 79 1.24 -19.78 -9.59
N LYS B 80 2.21 -18.90 -9.83
CA LYS B 80 2.48 -18.38 -11.13
C LYS B 80 3.45 -19.28 -11.88
N THR B 81 4.10 -20.26 -11.22
CA THR B 81 5.13 -21.02 -11.89
C THR B 81 4.58 -22.23 -12.61
N ARG B 82 5.30 -22.70 -13.62
CA ARG B 82 4.99 -24.03 -14.19
C ARG B 82 6.27 -24.77 -14.46
N PHE B 83 6.18 -26.10 -14.32
CA PHE B 83 7.33 -27.00 -14.34
C PHE B 83 8.06 -26.94 -15.69
N ALA B 84 9.37 -26.75 -15.66
CA ALA B 84 10.23 -26.79 -16.87
C ALA B 84 9.71 -25.95 -18.02
N ARG B 85 9.15 -24.79 -17.76
CA ARG B 85 8.66 -23.93 -18.81
C ARG B 85 9.75 -22.96 -19.22
N HIS B 86 10.38 -22.25 -18.31
CA HIS B 86 11.40 -21.27 -18.72
C HIS B 86 12.60 -21.44 -17.83
N PRO B 87 13.76 -20.93 -18.29
CA PRO B 87 14.93 -21.06 -17.45
C PRO B 87 14.68 -20.24 -16.20
N GLY B 88 14.99 -20.80 -15.02
CA GLY B 88 14.87 -20.01 -13.76
C GLY B 88 13.57 -20.34 -13.09
N GLU B 89 12.61 -20.83 -13.86
CA GLU B 89 11.31 -21.05 -13.32
C GLU B 89 11.24 -22.30 -12.42
N ASP B 90 11.94 -23.36 -12.78
CA ASP B 90 12.07 -24.50 -11.83
C ASP B 90 12.86 -24.20 -10.56
N MET B 91 13.88 -23.40 -10.73
CA MET B 91 14.71 -22.88 -9.64
C MET B 91 13.78 -22.10 -8.72
N ALA B 92 12.93 -21.22 -9.30
CA ALA B 92 12.02 -20.48 -8.44
C ALA B 92 11.03 -21.40 -7.70
N ARG B 93 10.38 -22.29 -8.44
CA ARG B 93 9.41 -23.18 -7.83
C ARG B 93 10.01 -23.97 -6.67
N ARG B 94 11.15 -24.57 -6.89
CA ARG B 94 11.78 -25.41 -5.83
C ARG B 94 12.15 -24.54 -4.61
N TRP B 95 12.65 -23.33 -4.92
CA TRP B 95 13.09 -22.42 -3.86
C TRP B 95 11.91 -21.95 -3.03
N LEU B 96 10.79 -21.64 -3.72
CA LEU B 96 9.64 -21.19 -3.01
C LEU B 96 9.04 -22.33 -2.16
N MET B 97 9.02 -23.54 -2.69
CA MET B 97 8.50 -24.64 -1.91
C MET B 97 9.34 -24.88 -0.63
N ARG B 98 10.65 -24.79 -0.74
CA ARG B 98 11.48 -24.94 0.42
C ARG B 98 11.29 -23.82 1.42
N ASN B 99 11.22 -22.59 0.90
CA ASN B 99 11.26 -21.42 1.77
C ASN B 99 9.95 -21.14 2.48
N ILE B 100 8.85 -21.61 1.89
CA ILE B 100 7.60 -21.58 2.57
C ILE B 100 7.69 -22.39 3.86
N ARG B 101 8.35 -23.54 3.82
CA ARG B 101 8.46 -24.39 5.02
C ARG B 101 9.37 -23.66 6.01
N VAL B 102 10.45 -23.07 5.52
CA VAL B 102 11.41 -22.31 6.42
C VAL B 102 10.66 -21.27 7.28
N GLU B 103 9.60 -20.70 6.72
CA GLU B 103 8.79 -19.70 7.43
C GLU B 103 7.81 -20.25 8.45
N LEU B 104 7.69 -21.57 8.55
CA LEU B 104 6.66 -22.19 9.36
C LEU B 104 6.49 -21.53 10.70
N ASN B 105 7.57 -21.36 11.48
CA ASN B 105 7.42 -20.82 12.84
C ASN B 105 7.77 -19.33 12.99
N HIS B 106 8.05 -18.64 11.91
CA HIS B 106 8.47 -17.25 12.08
C HIS B 106 7.43 -16.28 12.61
N ALA B 107 6.16 -16.47 12.23
CA ALA B 107 5.10 -15.69 12.81
C ALA B 107 5.03 -15.91 14.32
N ASP B 108 5.08 -17.17 14.78
CA ASP B 108 5.08 -17.50 16.17
C ASP B 108 6.25 -16.82 16.90
N TYR B 109 7.44 -16.87 16.30
CA TYR B 109 8.61 -16.22 16.88
C TYR B 109 8.35 -14.71 17.06
N TRP B 110 7.72 -14.08 16.05
CA TRP B 110 7.39 -12.68 16.20
C TRP B 110 6.42 -12.44 17.36
N VAL B 111 5.40 -13.28 17.45
CA VAL B 111 4.43 -13.16 18.53
C VAL B 111 5.18 -13.25 19.88
N HIS B 112 6.16 -14.13 19.93
CA HIS B 112 6.97 -14.26 21.19
C HIS B 112 7.88 -13.08 21.52
N TRP B 113 8.57 -12.55 20.52
CA TRP B 113 9.34 -11.34 20.65
C TRP B 113 8.42 -10.22 21.14
N SER B 114 7.29 -10.07 20.48
CA SER B 114 6.25 -9.08 20.88
C SER B 114 5.81 -9.23 22.36
N ARG B 115 5.59 -10.46 22.77
CA ARG B 115 5.12 -10.74 24.13
C ARG B 115 6.18 -10.30 25.14
N ALA B 116 7.43 -10.51 24.84
CA ALA B 116 8.47 -10.06 25.70
C ALA B 116 8.53 -8.55 25.91
N HIS B 117 7.86 -7.76 25.08
CA HIS B 117 7.76 -6.31 25.30
C HIS B 117 6.37 -5.91 25.71
N GLY B 118 5.48 -6.83 26.09
CA GLY B 118 4.14 -6.44 26.51
C GLY B 118 3.03 -6.35 25.48
N VAL B 119 3.38 -6.74 24.26
CA VAL B 119 2.46 -6.66 23.14
C VAL B 119 1.84 -8.03 23.05
N THR B 120 0.53 -8.06 23.21
CA THR B 120 -0.20 -9.30 23.11
C THR B 120 -0.57 -9.66 21.70
N LEU B 121 -0.90 -10.93 21.51
CA LEU B 121 -1.51 -11.37 20.25
C LEU B 121 -2.67 -10.45 19.89
N GLU B 122 -3.51 -10.14 20.85
CA GLU B 122 -4.65 -9.22 20.59
C GLU B 122 -4.19 -7.87 20.00
N ASP B 123 -3.11 -7.30 20.57
CA ASP B 123 -2.57 -6.05 20.11
C ASP B 123 -2.09 -6.18 18.65
N LEU B 124 -1.42 -7.28 18.35
CA LEU B 124 -0.88 -7.52 17.02
C LEU B 124 -2.02 -7.48 16.01
N GLN B 125 -3.03 -8.26 16.32
CA GLN B 125 -4.18 -8.44 15.48
C GLN B 125 -4.98 -7.17 15.26
N ALA B 126 -5.02 -6.32 16.26
CA ALA B 126 -5.80 -5.10 16.20
C ALA B 126 -5.22 -4.04 15.28
N GLN B 127 -3.93 -4.02 15.13
CA GLN B 127 -3.29 -3.16 14.16
C GLN B 127 -3.61 -1.68 14.34
N GLN B 128 -3.61 -1.22 15.57
CA GLN B 128 -3.79 0.19 15.85
C GLN B 128 -2.49 0.94 15.74
N VAL B 129 -2.08 1.16 14.52
CA VAL B 129 -0.90 1.90 14.26
C VAL B 129 -1.17 2.84 13.12
N PRO B 130 -0.33 3.83 12.90
CA PRO B 130 -0.61 4.72 11.79
C PRO B 130 -0.52 4.04 10.41
N PRO B 131 -1.16 4.64 9.38
CA PRO B 131 -1.20 4.10 7.98
C PRO B 131 0.13 3.91 7.30
N GLU B 132 1.10 4.78 7.58
CA GLU B 132 2.45 4.64 7.07
C GLU B 132 3.02 3.23 7.46
N LEU B 133 2.56 2.65 8.54
CA LEU B 133 3.14 1.37 8.99
C LEU B 133 2.51 0.19 8.22
N HIS B 134 1.30 0.34 7.68
CA HIS B 134 0.70 -0.74 6.92
C HIS B 134 1.08 -0.76 5.47
N ALA B 135 1.67 0.31 4.95
CA ALA B 135 1.83 0.43 3.49
C ALA B 135 2.69 -0.69 2.88
N LEU B 136 3.75 -1.10 3.58
CA LEU B 136 4.58 -2.17 3.07
C LEU B 136 3.81 -3.45 2.81
N SER B 137 2.97 -3.83 3.74
CA SER B 137 2.18 -5.06 3.61
C SER B 137 1.21 -4.94 2.45
N HIS B 138 0.65 -3.75 2.23
CA HIS B 138 -0.25 -3.57 1.03
C HIS B 138 0.51 -3.66 -0.27
N TRP B 139 1.70 -3.09 -0.32
CA TRP B 139 2.58 -3.26 -1.47
C TRP B 139 2.97 -4.72 -1.71
N CYS B 140 3.33 -5.44 -0.68
CA CYS B 140 3.74 -6.83 -0.89
C CYS B 140 2.60 -7.65 -1.42
N TRP B 141 1.39 -7.46 -0.87
CA TRP B 141 0.24 -8.18 -1.42
C TRP B 141 -0.06 -7.84 -2.86
N HIS B 142 0.00 -6.53 -3.18
CA HIS B 142 -0.30 -6.06 -4.50
C HIS B 142 0.68 -6.67 -5.53
N THR B 143 1.99 -6.57 -5.31
CA THR B 143 2.95 -7.14 -6.26
C THR B 143 2.86 -8.67 -6.29
N SER B 144 2.68 -9.29 -5.13
CA SER B 144 2.49 -10.76 -5.14
C SER B 144 1.26 -11.21 -5.92
N SER B 145 0.15 -10.50 -5.77
CA SER B 145 -1.08 -10.78 -6.54
C SER B 145 -0.98 -10.43 -8.00
N ALA B 146 -0.43 -9.30 -8.37
CA ALA B 146 -0.64 -8.73 -9.71
C ALA B 146 0.54 -8.75 -10.64
N ASP B 147 1.76 -8.73 -10.11
CA ASP B 147 2.92 -8.61 -10.96
C ASP B 147 3.50 -9.95 -11.37
N SER B 148 4.48 -9.91 -12.26
CA SER B 148 5.18 -11.12 -12.67
C SER B 148 5.92 -11.72 -11.45
N LEU B 149 6.16 -12.97 -11.54
CA LEU B 149 6.88 -13.65 -10.46
C LEU B 149 8.25 -13.01 -10.23
N ILE B 150 8.92 -12.63 -11.30
CA ILE B 150 10.26 -12.08 -11.18
C ILE B 150 10.23 -10.77 -10.42
N VAL B 151 9.25 -9.93 -10.72
CA VAL B 151 9.15 -8.62 -10.08
C VAL B 151 8.81 -8.86 -8.59
N ALA B 152 7.84 -9.70 -8.33
CA ALA B 152 7.38 -9.85 -6.97
C ALA B 152 8.39 -10.55 -6.10
N ILE B 153 9.16 -11.48 -6.66
CA ILE B 153 10.23 -12.11 -5.87
C ILE B 153 11.27 -11.06 -5.53
N ALA B 154 11.56 -10.20 -6.52
CA ALA B 154 12.51 -9.10 -6.29
C ALA B 154 12.06 -8.20 -5.14
N ALA B 155 10.79 -7.87 -5.08
CA ALA B 155 10.28 -6.99 -4.05
C ALA B 155 10.30 -7.61 -2.68
N THR B 156 10.08 -8.91 -2.60
CA THR B 156 9.84 -9.56 -1.29
C THR B 156 11.01 -10.42 -0.80
N ASN B 157 11.50 -11.28 -1.65
CA ASN B 157 12.50 -12.23 -1.18
C ASN B 157 13.88 -11.63 -1.32
N TYR B 158 14.09 -10.76 -2.28
CA TYR B 158 15.34 -10.10 -2.45
C TYR B 158 15.36 -8.81 -1.58
N ALA B 159 14.46 -7.86 -1.84
CA ALA B 159 14.56 -6.59 -1.16
C ALA B 159 14.30 -6.65 0.34
N ILE B 160 13.16 -7.17 0.72
CA ILE B 160 12.79 -7.19 2.08
C ILE B 160 13.64 -8.10 2.91
N GLU B 161 13.90 -9.30 2.46
CA GLU B 161 14.67 -10.23 3.24
C GLU B 161 16.09 -9.74 3.31
N GLY B 162 16.65 -9.18 2.25
CA GLY B 162 18.00 -8.63 2.35
C GLY B 162 18.12 -7.53 3.41
N ALA B 163 17.22 -6.56 3.34
CA ALA B 163 17.26 -5.48 4.29
C ALA B 163 17.07 -5.99 5.67
N THR B 164 16.23 -6.99 5.81
CA THR B 164 15.90 -7.53 7.12
C THR B 164 17.08 -8.29 7.80
N GLY B 165 17.83 -9.01 6.97
CA GLY B 165 19.08 -9.64 7.40
C GLY B 165 20.00 -8.61 7.98
N GLU B 166 20.21 -7.54 7.25
CA GLU B 166 21.04 -6.43 7.69
C GLU B 166 20.51 -5.68 8.93
N TRP B 167 19.23 -5.34 9.02
CA TRP B 167 18.83 -4.63 10.19
C TRP B 167 18.79 -5.50 11.44
N SER B 168 18.38 -6.75 11.30
CA SER B 168 18.26 -7.62 12.46
C SER B 168 19.71 -7.85 12.99
N ALA B 169 20.69 -7.97 12.10
CA ALA B 169 22.10 -8.11 12.54
C ALA B 169 22.60 -6.85 13.26
N LEU B 170 22.24 -5.69 12.76
CA LEU B 170 22.60 -4.44 13.44
C LEU B 170 22.01 -4.39 14.84
N VAL B 171 20.74 -4.82 14.98
CA VAL B 171 20.07 -4.74 16.26
C VAL B 171 20.83 -5.65 17.24
N CYS B 172 21.36 -6.77 16.73
CA CYS B 172 22.07 -7.78 17.57
C CYS B 172 23.57 -7.51 17.70
N SER B 173 24.08 -6.44 17.10
CA SER B 173 25.46 -6.39 16.84
C SER B 173 26.29 -6.14 18.09
N ASN B 174 25.73 -5.82 19.25
CA ASN B 174 26.58 -5.56 20.40
C ASN B 174 26.11 -6.11 21.71
N GLY B 175 25.04 -6.86 21.74
CA GLY B 175 24.64 -7.51 22.96
C GLY B 175 23.80 -6.76 23.93
N ILE B 176 23.74 -5.44 23.78
CA ILE B 176 23.03 -4.59 24.81
C ILE B 176 21.53 -4.85 24.82
N TYR B 177 20.93 -4.83 23.61
CA TYR B 177 19.52 -5.16 23.51
C TYR B 177 19.24 -6.54 24.14
N ALA B 178 20.00 -7.57 23.72
CA ALA B 178 19.68 -8.96 24.25
C ALA B 178 19.91 -9.02 25.73
N ALA B 179 20.97 -8.35 26.16
CA ALA B 179 21.30 -8.39 27.58
C ALA B 179 20.19 -7.78 28.44
N ALA B 180 19.40 -6.84 27.93
CA ALA B 180 18.27 -6.33 28.72
C ALA B 180 17.11 -7.27 28.98
N PHE B 181 16.94 -8.35 28.23
CA PHE B 181 15.95 -9.34 28.65
C PHE B 181 16.52 -10.14 29.82
N PRO B 182 15.66 -10.56 30.78
CA PRO B 182 16.06 -11.54 31.80
C PRO B 182 16.59 -12.82 31.12
N GLU B 183 17.66 -13.45 31.63
CA GLU B 183 18.14 -14.75 31.11
C GLU B 183 17.05 -15.79 30.93
N GLU B 184 16.12 -15.89 31.87
CA GLU B 184 15.12 -16.95 31.75
C GLU B 184 14.36 -16.73 30.45
N ASP B 185 14.29 -15.49 29.96
CA ASP B 185 13.39 -15.13 28.84
C ASP B 185 14.05 -14.92 27.49
N ARG B 186 15.35 -14.72 27.54
CA ARG B 186 16.08 -14.20 26.46
C ARG B 186 16.01 -15.10 25.20
N LYS B 187 16.12 -16.41 25.34
CA LYS B 187 16.31 -17.27 24.19
C LYS B 187 15.01 -17.17 23.37
N ARG B 188 13.88 -17.19 24.09
CA ARG B 188 12.52 -17.15 23.52
C ARG B 188 12.21 -15.79 22.83
N ALA B 189 12.59 -14.70 23.48
CA ALA B 189 12.32 -13.36 22.99
C ALA B 189 13.12 -13.00 21.77
N MET B 190 14.38 -13.47 21.74
CA MET B 190 15.40 -13.21 20.70
C MET B 190 15.38 -14.13 19.48
N LYS B 191 14.47 -15.12 19.50
CA LYS B 191 14.52 -16.16 18.50
CA LYS B 191 14.53 -16.18 18.48
C LYS B 191 14.26 -15.59 17.09
N TRP B 192 13.25 -14.75 16.98
CA TRP B 192 12.94 -14.13 15.68
C TRP B 192 14.18 -13.44 15.15
N LEU B 193 14.77 -12.60 15.98
CA LEU B 193 16.01 -11.92 15.59
C LEU B 193 17.16 -12.85 15.28
N LYS B 194 17.29 -13.89 16.08
CA LYS B 194 18.43 -14.81 15.90
C LYS B 194 18.34 -15.46 14.47
N MET B 195 17.14 -15.95 14.16
CA MET B 195 16.84 -16.59 12.84
C MET B 195 17.01 -15.64 11.69
N HIS B 196 16.76 -14.35 11.90
CA HIS B 196 16.95 -13.47 10.77
C HIS B 196 18.29 -12.78 10.69
N ALA B 197 18.96 -12.61 11.83
CA ALA B 197 20.32 -12.01 11.86
C ALA B 197 21.44 -13.00 11.50
N GLN B 198 21.33 -14.25 11.95
CA GLN B 198 22.40 -15.26 11.86
C GLN B 198 22.30 -16.31 10.73
N TYR B 199 21.07 -16.67 10.34
CA TYR B 199 20.73 -17.71 9.33
C TYR B 199 20.05 -17.18 8.04
N ASP B 200 19.92 -15.87 7.92
CA ASP B 200 19.22 -15.31 6.76
C ASP B 200 20.17 -15.04 5.58
N ASP B 201 21.48 -15.32 5.67
CA ASP B 201 22.45 -14.57 4.78
C ASP B 201 22.39 -14.93 3.30
N ALA B 202 22.33 -16.22 3.02
CA ALA B 202 22.32 -16.68 1.64
C ALA B 202 21.01 -16.37 0.95
N HIS B 203 19.89 -16.37 1.68
CA HIS B 203 18.55 -16.25 1.06
C HIS B 203 18.38 -15.11 0.02
N PRO B 204 18.80 -13.87 0.35
CA PRO B 204 18.63 -12.81 -0.65
C PRO B 204 19.45 -13.05 -1.87
N TRP B 205 20.65 -13.59 -1.67
CA TRP B 205 21.46 -13.88 -2.84
C TRP B 205 20.88 -15.00 -3.68
N GLU B 206 20.31 -16.01 -3.01
CA GLU B 206 19.63 -17.10 -3.75
C GLU B 206 18.48 -16.54 -4.61
N ALA B 207 17.74 -15.59 -4.01
CA ALA B 207 16.62 -14.98 -4.69
C ALA B 207 17.15 -14.16 -5.89
N LEU B 208 18.23 -13.46 -5.69
CA LEU B 208 18.84 -12.68 -6.79
C LEU B 208 19.29 -13.60 -7.89
N GLU B 209 19.86 -14.74 -7.50
CA GLU B 209 20.28 -15.66 -8.55
C GLU B 209 19.11 -16.20 -9.41
N ILE B 210 18.00 -16.43 -8.76
CA ILE B 210 16.76 -16.84 -9.43
C ILE B 210 16.28 -15.72 -10.34
N ILE B 211 16.31 -14.50 -9.81
CA ILE B 211 15.92 -13.34 -10.61
C ILE B 211 16.77 -13.19 -11.88
N VAL B 212 18.06 -13.26 -11.73
CA VAL B 212 18.96 -13.08 -12.85
C VAL B 212 18.80 -14.22 -13.86
N THR B 213 18.59 -15.44 -13.38
CA THR B 213 18.33 -16.56 -14.26
C THR B 213 17.01 -16.41 -15.04
N LEU B 214 15.99 -15.88 -14.38
CA LEU B 214 14.69 -15.66 -15.06
C LEU B 214 14.86 -14.53 -16.10
N ALA B 215 15.62 -13.49 -15.80
CA ALA B 215 15.79 -12.35 -16.70
C ALA B 215 16.76 -12.62 -17.85
N GLY B 216 17.79 -13.38 -17.52
CA GLY B 216 18.85 -13.70 -18.46
C GLY B 216 19.99 -12.69 -18.48
N LEU B 217 20.82 -12.88 -19.48
CA LEU B 217 22.03 -12.06 -19.62
C LEU B 217 21.74 -10.72 -20.26
N ASN B 218 20.60 -10.64 -20.98
N ASN B 218 20.74 -10.65 -21.14
CA ASN B 218 20.32 -9.51 -21.89
CA ASN B 218 20.38 -9.36 -21.72
C ASN B 218 18.92 -8.89 -21.77
C ASN B 218 18.88 -9.18 -21.68
N PRO B 219 18.41 -8.69 -20.53
CA PRO B 219 17.04 -8.29 -20.40
C PRO B 219 16.82 -6.89 -20.96
N THR B 220 15.60 -6.59 -21.33
CA THR B 220 15.31 -5.22 -21.84
C THR B 220 15.53 -4.15 -20.77
N LYS B 221 15.79 -2.92 -21.21
CA LYS B 221 15.92 -1.79 -20.30
C LYS B 221 14.63 -1.62 -19.45
N ALA B 222 13.48 -1.90 -20.06
CA ALA B 222 12.20 -1.85 -19.39
C ALA B 222 12.13 -2.86 -18.23
N LEU B 223 12.55 -4.11 -18.47
CA LEU B 223 12.47 -5.14 -17.42
C LEU B 223 13.38 -4.72 -16.29
N GLN B 224 14.56 -4.20 -16.62
CA GLN B 224 15.51 -3.73 -15.59
C GLN B 224 14.92 -2.59 -14.77
N ALA B 225 14.21 -1.67 -15.43
CA ALA B 225 13.64 -0.51 -14.74
C ALA B 225 12.52 -1.00 -13.85
N GLU B 226 11.73 -1.96 -14.34
CA GLU B 226 10.69 -2.59 -13.53
C GLU B 226 11.22 -3.25 -12.23
N LEU B 227 12.35 -3.95 -12.37
CA LEU B 227 12.97 -4.60 -11.21
C LEU B 227 13.45 -3.51 -10.28
N ARG B 228 14.09 -2.45 -10.80
CA ARG B 228 14.62 -1.38 -9.94
C ARG B 228 13.55 -0.65 -9.13
N GLN B 229 12.44 -0.33 -9.79
CA GLN B 229 11.33 0.37 -9.20
C GLN B 229 10.77 -0.48 -8.10
N ALA B 230 10.65 -1.76 -8.35
CA ALA B 230 9.95 -2.62 -7.37
C ALA B 230 10.81 -2.79 -6.13
N ILE B 231 12.08 -3.01 -6.34
CA ILE B 231 12.98 -3.20 -5.20
C ILE B 231 13.02 -1.88 -4.38
N CYS B 232 13.16 -0.73 -5.05
CA CYS B 232 13.21 0.55 -4.32
C CYS B 232 11.89 0.87 -3.64
N LYS B 233 10.76 0.43 -4.21
CA LYS B 233 9.49 0.58 -3.51
C LYS B 233 9.45 -0.13 -2.17
N SER B 234 9.99 -1.38 -2.15
CA SER B 234 10.07 -2.12 -0.92
C SER B 234 10.92 -1.35 0.11
N TYR B 235 12.12 -0.92 -0.33
CA TYR B 235 12.94 -0.17 0.57
C TYR B 235 12.25 1.14 1.04
N ASP B 236 11.65 1.87 0.09
CA ASP B 236 11.00 3.12 0.42
C ASP B 236 9.83 2.96 1.36
N TYR B 237 9.08 1.86 1.29
CA TYR B 237 8.01 1.67 2.28
C TYR B 237 8.54 1.26 3.68
N MET B 238 9.68 0.58 3.72
CA MET B 238 10.29 0.31 5.04
C MET B 238 10.77 1.63 5.64
N TYR B 239 11.39 2.46 4.77
CA TYR B 239 11.81 3.78 5.21
C TYR B 239 10.67 4.61 5.74
N LEU B 240 9.57 4.60 5.02
CA LEU B 240 8.34 5.33 5.46
C LEU B 240 7.91 4.92 6.83
N PHE B 241 7.89 3.62 7.01
CA PHE B 241 7.55 2.98 8.28
C PHE B 241 8.48 3.51 9.38
N LEU B 242 9.77 3.49 9.13
CA LEU B 242 10.74 3.80 10.18
C LEU B 242 10.64 5.28 10.53
N GLU B 243 10.47 6.12 9.50
CA GLU B 243 10.35 7.56 9.74
C GLU B 243 9.15 7.84 10.61
N ARG B 244 8.03 7.18 10.31
CA ARG B 244 6.88 7.43 11.11
C ARG B 244 7.03 6.97 12.55
N CYS B 245 7.70 5.84 12.75
CA CYS B 245 7.96 5.37 14.10
C CYS B 245 8.82 6.37 14.87
N MET B 246 9.85 6.89 14.22
CA MET B 246 10.77 7.86 14.89
C MET B 246 10.15 9.24 15.09
N GLN B 247 9.07 9.53 14.39
CA GLN B 247 8.40 10.79 14.65
C GLN B 247 7.79 10.78 16.09
N GLN B 248 7.32 9.63 16.58
CA GLN B 248 6.81 9.49 17.98
C GLN B 248 7.90 9.10 19.01
N GLU B 249 9.17 9.07 18.56
CA GLU B 249 10.36 9.05 19.45
C GLU B 249 10.89 10.45 19.65
N LYS B 250 10.79 11.30 18.61
CA LYS B 250 10.95 12.75 18.76
C LYS B 250 9.97 13.24 19.84
N THR B 251 8.69 12.83 19.75
CA THR B 251 7.64 13.16 20.76
C THR B 251 7.89 12.62 22.19
N ALA B 252 8.41 11.38 22.32
CA ALA B 252 8.72 10.78 23.63
C ALA B 252 10.24 10.79 24.00
N VAL B 253 11.05 11.61 23.28
CA VAL B 253 12.45 11.96 23.67
C VAL B 253 12.43 13.30 24.46
N THR B 254 11.34 14.05 24.31
CA THR B 254 11.16 15.39 24.93
C THR B 254 10.06 15.40 26.02
N ARG B 255 9.10 14.46 25.97
CA ARG B 255 8.15 14.27 27.08
C ARG B 255 8.86 13.67 28.31
N GLU B 256 9.97 12.96 28.06
CA GLU B 256 10.78 12.33 29.11
C GLU B 256 11.89 13.24 29.65
N ARG B 257 12.02 14.43 29.08
CA ARG B 257 13.05 15.39 29.52
C ARG B 257 12.49 16.81 29.83
N LEU B 258 11.20 17.07 29.52
CA LEU B 258 10.51 18.34 29.87
C LEU B 258 9.40 18.19 30.94
N ALA B 259 8.92 16.96 31.18
CA ALA B 259 7.95 16.69 32.25
C ALA B 259 8.23 15.34 32.90
FE FE C . -15.02 7.20 -12.52
C1 GOL D . -12.26 6.94 -11.40
O1 GOL D . -12.98 6.94 -12.63
C2 GOL D . -13.18 6.46 -10.31
O2 GOL D . -14.49 6.95 -10.34
C3 GOL D . -12.41 6.59 -9.01
O3 GOL D . -12.84 7.69 -8.32
C1 GOL E . -6.02 11.63 -3.63
O1 GOL E . -7.09 12.00 -2.73
C2 GOL E . -6.48 10.71 -4.78
O2 GOL E . -6.82 11.41 -5.98
C3 GOL E . -5.34 9.77 -5.14
O3 GOL E . -5.72 8.61 -5.95
C1 GOL F . -8.46 9.77 -8.16
O1 GOL F . -7.08 9.39 -7.83
C2 GOL F . -9.37 8.73 -7.51
O2 GOL F . -10.72 9.00 -7.78
C3 GOL F . -9.15 8.81 -6.00
O3 GOL F . -9.38 10.17 -5.60
C1 GOL G . -28.06 0.50 -17.20
O1 GOL G . -26.89 1.23 -16.64
C2 GOL G . -28.48 1.17 -18.49
O2 GOL G . -27.42 1.05 -19.43
C3 GOL G . -29.72 0.53 -19.13
O3 GOL G . -30.51 -0.22 -18.13
S SO4 H . -31.46 -3.47 -11.85
O1 SO4 H . -31.56 -4.43 -10.75
O2 SO4 H . -32.22 -2.23 -11.60
O3 SO4 H . -30.03 -3.14 -11.93
O4 SO4 H . -32.03 -3.95 -13.12
S SO4 I . -19.84 6.70 -21.94
O1 SO4 I . -21.23 7.07 -21.64
O2 SO4 I . -19.32 5.69 -20.95
O3 SO4 I . -18.97 7.92 -21.72
O4 SO4 I . -19.82 6.04 -23.29
S SO4 J . -18.59 4.24 -10.70
O1 SO4 J . -19.04 2.94 -10.14
O2 SO4 J . -19.25 5.38 -9.97
O3 SO4 J . -17.10 4.39 -10.63
O4 SO4 J . -19.04 4.26 -12.12
S SO4 K . -30.42 -9.43 -3.55
O1 SO4 K . -30.84 -9.26 -2.07
O2 SO4 K . -31.39 -8.74 -4.52
O3 SO4 K . -30.34 -10.93 -3.76
O4 SO4 K . -29.04 -9.06 -3.74
FE FE L . 11.50 -15.35 8.16
C1 GOL M . 9.66 -13.07 8.48
O1 GOL M . 9.72 -14.43 8.86
C2 GOL M . 10.19 -12.92 7.06
O2 GOL M . 11.48 -13.53 6.88
C3 GOL M . 10.16 -11.42 6.63
O3 GOL M . 11.43 -10.82 6.58
C1 GOL N . 10.29 -2.08 8.71
O1 GOL N . 11.60 -1.90 8.12
C2 GOL N . 9.74 -3.51 8.64
O2 GOL N . 10.17 -4.34 9.74
C3 GOL N . 8.21 -3.45 8.70
O3 GOL N . 7.53 -4.65 8.24
C1 GOL O . 9.57 -7.37 9.55
O1 GOL O . 8.29 -6.78 9.61
C2 GOL O . 9.81 -7.78 8.09
O2 GOL O . 10.71 -8.86 8.02
C3 GOL O . 10.41 -6.68 7.26
O3 GOL O . 11.49 -6.01 7.95
C1 GOL P . 30.64 -20.59 -5.08
O1 GOL P . 29.83 -19.88 -4.04
C2 GOL P . 29.88 -21.50 -6.07
O2 GOL P . 29.05 -22.48 -5.39
C3 GOL P . 30.71 -22.28 -7.09
O3 GOL P . 30.11 -22.30 -8.42
S SO4 Q . 17.59 -28.12 -5.10
O1 SO4 Q . 18.26 -27.01 -4.37
O2 SO4 Q . 17.13 -29.06 -4.04
O3 SO4 Q . 16.44 -27.59 -5.84
O4 SO4 Q . 18.47 -28.76 -6.13
S SO4 R . 11.79 -25.07 12.16
O1 SO4 R . 11.25 -26.45 12.28
O2 SO4 R . 11.16 -24.14 13.16
O3 SO4 R . 13.27 -25.05 12.38
O4 SO4 R . 11.47 -24.53 10.79
S SO4 S . 15.34 -28.29 2.89
O1 SO4 S . 14.28 -28.89 3.78
O2 SO4 S . 15.05 -26.86 2.64
O3 SO4 S . 16.59 -28.46 3.67
O4 SO4 S . 15.51 -28.90 1.51
S SO4 T . 12.85 -16.87 4.12
O1 SO4 T . 13.50 -16.94 5.46
O2 SO4 T . 11.83 -15.81 4.17
O3 SO4 T . 13.86 -16.57 3.06
O4 SO4 T . 12.18 -18.15 3.79
S SO4 U . 15.64 -23.57 -14.34
O1 SO4 U . 14.28 -23.96 -14.88
O2 SO4 U . 15.34 -22.61 -13.31
O3 SO4 U . 16.46 -24.70 -13.73
O4 SO4 U . 16.45 -22.92 -15.48
#